data_4FSQ
#
_entry.id   4FSQ
#
_cell.length_a   45.365
_cell.length_b   65.989
_cell.length_c   58.295
_cell.angle_alpha   90.000
_cell.angle_beta   94.550
_cell.angle_gamma   90.000
#
_symmetry.space_group_name_H-M   'P 1 21 1'
#
loop_
_entity.id
_entity.type
_entity.pdbx_description
1 polymer 'Serine/threonine-protein kinase Chk1'
2 non-polymer "4'-(6,7-dimethoxyindeno[1,2-c]pyrazol-3-yl)biphenyl-4-ol"
3 non-polymer 'SULFATE ION'
4 water water
#
_entity_poly.entity_id   1
_entity_poly.type   'polypeptide(L)'
_entity_poly.pdbx_seq_one_letter_code
;AVPFVEDWDLVQTLGEGAYGEVQLAVNRVTEEAVAVKIVDMKRAVDCPENIKKEICINKMLNHENVVKFYGHRREGNIQY
LFLEYCSGGELFDRIEPDIGMPEPDAQRFFHQLMAGVVYLHGIGITHRDIKPENLLLDERDNLKISDFGLATVFRYNNRE
RLLNKMCGTLPYVAPELLKRREFHAEPVDVWSCGIVLTAMLAGELPWDQPSDSCQEYSDWKEKKTYLNPWKKIDSAPLAL
LHKILVENPSARITIPDIKKDRWYNKPLKKGAKRPRVTS
;
_entity_poly.pdbx_strand_id   A
#
loop_
_chem_comp.id
_chem_comp.type
_chem_comp.name
_chem_comp.formula
HK3 non-polymer 4'-(6,7-dimethoxyindeno[1,2-c]pyrazol-3-yl)biphenyl-4-ol 'C24 H18 N2 O3'
SO4 non-polymer 'SULFATE ION' 'O4 S -2'
#
# COMPACT_ATOMS: atom_id res chain seq x y z
N VAL A 2 29.02 1.94 25.44
CA VAL A 2 28.50 0.58 25.60
C VAL A 2 28.99 -0.29 24.40
N PRO A 3 29.93 -1.25 24.64
CA PRO A 3 30.41 -2.08 23.52
C PRO A 3 29.32 -2.93 22.84
N PHE A 4 29.58 -3.34 21.58
CA PHE A 4 28.82 -4.28 20.74
C PHE A 4 27.35 -3.85 20.41
N VAL A 5 26.88 -2.68 20.91
CA VAL A 5 25.52 -2.17 20.64
C VAL A 5 25.26 -1.98 19.11
N GLU A 6 26.34 -1.81 18.30
CA GLU A 6 26.28 -1.63 16.84
C GLU A 6 26.31 -2.97 16.06
N ASP A 7 26.37 -4.12 16.75
CA ASP A 7 26.45 -5.45 16.12
C ASP A 7 25.08 -6.09 15.97
N TRP A 8 24.71 -6.47 14.72
CA TRP A 8 23.44 -7.09 14.32
C TRP A 8 23.67 -8.48 13.73
N ASP A 9 22.88 -9.47 14.16
CA ASP A 9 22.96 -10.81 13.61
C ASP A 9 21.84 -11.00 12.61
N LEU A 10 22.16 -11.54 11.44
CA LEU A 10 21.14 -11.80 10.41
C LEU A 10 20.53 -13.17 10.73
N VAL A 11 19.24 -13.17 11.12
CA VAL A 11 18.54 -14.37 11.59
C VAL A 11 17.87 -15.19 10.45
N GLN A 12 17.02 -14.55 9.60
CA GLN A 12 16.33 -15.23 8.49
C GLN A 12 15.93 -14.27 7.36
N THR A 13 15.71 -14.84 6.14
CA THR A 13 15.29 -14.11 4.93
C THR A 13 13.81 -13.77 5.04
N LEU A 14 13.50 -12.49 4.78
CA LEU A 14 12.14 -11.98 4.84
C LEU A 14 11.54 -11.83 3.43
N GLY A 15 12.36 -11.47 2.44
CA GLY A 15 11.93 -11.30 1.06
C GLY A 15 13.10 -11.17 0.10
N GLY A 20 17.34 -7.74 -5.03
CA GLY A 20 17.92 -7.75 -3.70
C GLY A 20 17.25 -8.67 -2.69
N GLU A 21 17.75 -8.67 -1.45
CA GLU A 21 17.23 -9.49 -0.35
C GLU A 21 17.01 -8.66 0.91
N VAL A 22 15.97 -9.04 1.67
CA VAL A 22 15.57 -8.43 2.96
C VAL A 22 15.85 -9.49 4.04
N GLN A 23 16.60 -9.11 5.09
CA GLN A 23 16.93 -10.02 6.18
C GLN A 23 16.44 -9.51 7.52
N LEU A 24 15.91 -10.42 8.37
CA LEU A 24 15.59 -10.07 9.75
C LEU A 24 16.93 -10.00 10.50
N ALA A 25 17.26 -8.79 11.04
CA ALA A 25 18.47 -8.53 11.81
C ALA A 25 18.16 -8.26 13.31
N VAL A 26 18.91 -8.93 14.20
CA VAL A 26 18.70 -8.80 15.64
C VAL A 26 19.97 -8.23 16.31
N ASN A 27 19.78 -7.18 17.13
CA ASN A 27 20.86 -6.55 17.88
C ASN A 27 21.48 -7.53 18.93
N ARG A 28 22.81 -7.66 18.90
CA ARG A 28 23.64 -8.49 19.77
C ARG A 28 23.41 -8.20 21.26
N VAL A 29 23.29 -6.90 21.62
CA VAL A 29 23.14 -6.45 22.99
C VAL A 29 21.67 -6.33 23.39
N THR A 30 20.87 -5.50 22.66
CA THR A 30 19.48 -5.16 23.02
C THR A 30 18.39 -6.11 22.49
N GLU A 31 18.73 -6.93 21.47
CA GLU A 31 17.83 -7.88 20.79
C GLU A 31 16.72 -7.17 19.98
N GLU A 32 16.90 -5.85 19.70
CA GLU A 32 15.95 -5.11 18.86
C GLU A 32 15.99 -5.71 17.46
N ALA A 33 14.81 -6.03 16.92
CA ALA A 33 14.68 -6.60 15.59
C ALA A 33 14.51 -5.47 14.58
N VAL A 34 15.18 -5.59 13.41
CA VAL A 34 15.08 -4.65 12.29
C VAL A 34 15.15 -5.44 10.97
N ALA A 35 14.62 -4.84 9.89
CA ALA A 35 14.68 -5.39 8.55
C ALA A 35 15.85 -4.73 7.82
N VAL A 36 16.72 -5.55 7.23
CA VAL A 36 17.88 -5.02 6.51
C VAL A 36 17.74 -5.37 5.04
N LYS A 37 17.67 -4.35 4.17
CA LYS A 37 17.57 -4.54 2.72
C LYS A 37 18.99 -4.44 2.15
N ILE A 38 19.42 -5.50 1.43
CA ILE A 38 20.76 -5.63 0.84
C ILE A 38 20.66 -5.42 -0.68
N VAL A 39 21.35 -4.37 -1.19
CA VAL A 39 21.37 -4.00 -2.62
C VAL A 39 22.82 -3.98 -3.13
N ILE A 51 18.34 3.39 -5.97
CA ILE A 51 19.04 3.25 -4.70
C ILE A 51 19.28 4.63 -4.06
N LYS A 52 19.95 5.57 -4.79
CA LYS A 52 20.21 6.93 -4.30
C LYS A 52 18.90 7.75 -4.10
N LYS A 53 17.88 7.48 -4.95
CA LYS A 53 16.55 8.13 -4.86
C LYS A 53 15.74 7.48 -3.73
N GLU A 54 15.74 6.11 -3.69
CA GLU A 54 15.08 5.27 -2.71
C GLU A 54 15.47 5.62 -1.27
N ILE A 55 16.75 6.00 -1.06
CA ILE A 55 17.30 6.36 0.24
C ILE A 55 16.84 7.80 0.58
N CYS A 56 16.94 8.72 -0.41
CA CYS A 56 16.54 10.11 -0.18
CA CYS A 56 16.52 10.12 -0.26
C CYS A 56 15.03 10.23 0.07
N ILE A 57 14.18 9.46 -0.64
CA ILE A 57 12.73 9.49 -0.39
C ILE A 57 12.48 8.94 1.03
N ASN A 58 13.08 7.78 1.38
CA ASN A 58 12.97 7.15 2.72
C ASN A 58 13.43 8.08 3.87
N LYS A 59 14.38 8.99 3.65
CA LYS A 59 14.82 9.96 4.67
C LYS A 59 13.74 11.03 4.95
N MET A 60 12.87 11.33 3.96
CA MET A 60 11.76 12.29 4.10
C MET A 60 10.58 11.76 4.94
N LEU A 61 10.45 10.40 5.01
CA LEU A 61 9.31 9.70 5.58
C LEU A 61 9.32 9.51 7.08
N ASN A 62 8.23 9.96 7.70
CA ASN A 62 7.97 9.81 9.13
C ASN A 62 6.46 9.83 9.37
N HIS A 63 5.85 8.65 9.42
CA HIS A 63 4.41 8.53 9.67
C HIS A 63 4.13 7.16 10.24
N GLU A 64 3.08 7.05 11.09
CA GLU A 64 2.67 5.82 11.78
C GLU A 64 2.20 4.68 10.80
N ASN A 65 1.82 5.02 9.53
CA ASN A 65 1.40 4.03 8.53
C ASN A 65 2.40 3.90 7.35
N VAL A 66 3.68 4.29 7.57
CA VAL A 66 4.78 4.18 6.63
C VAL A 66 5.93 3.49 7.40
N VAL A 67 6.56 2.46 6.79
CA VAL A 67 7.67 1.68 7.35
C VAL A 67 8.84 2.66 7.67
N LYS A 68 9.38 2.60 8.92
CA LYS A 68 10.44 3.50 9.40
C LYS A 68 11.78 3.19 8.79
N PHE A 69 12.50 4.26 8.46
CA PHE A 69 13.87 4.21 7.95
C PHE A 69 14.79 4.65 9.09
N TYR A 70 15.69 3.76 9.55
CA TYR A 70 16.62 4.09 10.66
C TYR A 70 17.95 4.68 10.15
N GLY A 71 18.40 4.24 8.98
CA GLY A 71 19.61 4.69 8.33
C GLY A 71 20.11 3.74 7.25
N HIS A 72 21.25 4.09 6.65
CA HIS A 72 21.88 3.30 5.61
C HIS A 72 23.40 3.27 5.77
N ARG A 73 24.02 2.17 5.32
CA ARG A 73 25.46 1.98 5.31
C ARG A 73 25.88 1.35 4.00
N ARG A 74 27.00 1.81 3.44
CA ARG A 74 27.54 1.28 2.19
C ARG A 74 28.89 0.64 2.42
N GLU A 75 29.02 -0.64 2.06
CA GLU A 75 30.29 -1.37 2.16
C GLU A 75 30.75 -1.69 0.73
N GLY A 76 31.41 -0.71 0.12
CA GLY A 76 31.92 -0.79 -1.24
C GLY A 76 30.82 -0.82 -2.29
N ASN A 77 30.36 -2.03 -2.65
CA ASN A 77 29.33 -2.25 -3.66
C ASN A 77 27.92 -2.44 -3.05
N ILE A 78 27.82 -3.20 -1.93
CA ILE A 78 26.55 -3.50 -1.27
C ILE A 78 26.05 -2.33 -0.39
N GLN A 79 24.77 -1.94 -0.59
CA GLN A 79 24.04 -0.92 0.18
C GLN A 79 23.13 -1.63 1.19
N TYR A 80 23.31 -1.32 2.50
CA TYR A 80 22.52 -1.88 3.61
C TYR A 80 21.51 -0.85 4.10
N LEU A 81 20.21 -1.11 3.86
CA LEU A 81 19.14 -0.21 4.28
C LEU A 81 18.49 -0.79 5.54
N PHE A 82 18.53 -0.02 6.66
CA PHE A 82 18.02 -0.42 7.98
C PHE A 82 16.62 0.10 8.18
N LEU A 83 15.64 -0.80 8.06
CA LEU A 83 14.23 -0.45 8.11
C LEU A 83 13.48 -1.21 9.18
N GLU A 84 12.26 -0.74 9.48
CA GLU A 84 11.35 -1.31 10.48
C GLU A 84 10.97 -2.75 10.14
N TYR A 85 11.08 -3.62 11.15
CA TYR A 85 10.65 -5.00 11.11
C TYR A 85 9.18 -4.99 11.45
N CYS A 86 8.37 -5.68 10.66
CA CYS A 86 6.93 -5.72 10.89
C CYS A 86 6.59 -7.20 11.08
N SER A 87 6.41 -7.60 12.35
CA SER A 87 6.23 -9.00 12.76
C SER A 87 4.90 -9.62 12.28
N GLY A 88 3.89 -8.80 11.97
CA GLY A 88 2.62 -9.26 11.42
C GLY A 88 2.72 -9.76 9.99
N GLY A 89 3.81 -9.43 9.31
CA GLY A 89 4.07 -9.85 7.94
C GLY A 89 3.35 -9.00 6.92
N GLU A 90 3.09 -9.59 5.75
CA GLU A 90 2.42 -8.94 4.63
C GLU A 90 0.90 -9.10 4.71
N LEU A 91 0.17 -8.03 4.34
CA LEU A 91 -1.29 -8.01 4.18
C LEU A 91 -1.73 -9.12 3.21
N PHE A 92 -0.86 -9.43 2.24
CA PHE A 92 -1.03 -10.48 1.23
C PHE A 92 -1.43 -11.79 1.91
N ASP A 93 -0.79 -12.14 3.05
CA ASP A 93 -1.01 -13.38 3.77
C ASP A 93 -2.19 -13.34 4.73
N ARG A 94 -2.95 -12.24 4.76
CA ARG A 94 -4.17 -12.12 5.57
C ARG A 94 -5.38 -12.30 4.69
N ILE A 95 -5.16 -12.33 3.37
CA ILE A 95 -6.20 -12.51 2.37
C ILE A 95 -6.33 -14.00 2.00
N GLU A 96 -7.51 -14.60 2.24
CA GLU A 96 -7.75 -15.99 1.89
C GLU A 96 -8.12 -16.09 0.43
N PRO A 97 -7.40 -16.92 -0.37
CA PRO A 97 -7.72 -17.01 -1.82
C PRO A 97 -9.20 -17.31 -2.06
N ASP A 98 -9.82 -16.47 -2.91
CA ASP A 98 -11.23 -16.46 -3.32
C ASP A 98 -12.25 -16.10 -2.21
N ILE A 99 -11.80 -15.78 -0.99
CA ILE A 99 -12.72 -15.39 0.10
C ILE A 99 -12.44 -13.93 0.56
N GLY A 100 -11.18 -13.62 0.81
CA GLY A 100 -10.75 -12.33 1.31
C GLY A 100 -10.53 -12.38 2.79
N MET A 101 -11.22 -11.48 3.51
CA MET A 101 -11.15 -11.35 4.97
C MET A 101 -12.44 -10.70 5.51
N PRO A 102 -12.72 -10.72 6.84
CA PRO A 102 -13.96 -10.10 7.34
C PRO A 102 -13.94 -8.62 6.99
N GLU A 103 -15.08 -8.09 6.58
CA GLU A 103 -15.24 -6.72 6.13
C GLU A 103 -14.74 -5.70 7.18
N PRO A 104 -14.95 -5.93 8.52
CA PRO A 104 -14.47 -4.95 9.52
C PRO A 104 -12.92 -4.81 9.49
N ASP A 105 -12.20 -5.92 9.27
CA ASP A 105 -10.73 -5.96 9.13
C ASP A 105 -10.27 -5.19 7.89
N ALA A 106 -10.96 -5.41 6.76
CA ALA A 106 -10.69 -4.73 5.50
C ALA A 106 -10.92 -3.22 5.64
N GLN A 107 -12.01 -2.82 6.35
CA GLN A 107 -12.29 -1.39 6.59
C GLN A 107 -11.18 -0.73 7.40
N ARG A 108 -10.73 -1.39 8.48
CA ARG A 108 -9.64 -0.90 9.33
C ARG A 108 -8.33 -0.81 8.54
N PHE A 109 -7.96 -1.86 7.75
CA PHE A 109 -6.75 -1.81 6.92
C PHE A 109 -6.84 -0.72 5.85
N PHE A 110 -8.02 -0.56 5.22
CA PHE A 110 -8.26 0.50 4.21
C PHE A 110 -8.15 1.91 4.84
N HIS A 111 -8.61 2.09 6.11
CA HIS A 111 -8.50 3.36 6.85
C HIS A 111 -7.04 3.80 6.98
N GLN A 112 -6.18 2.83 7.44
CA GLN A 112 -4.75 3.02 7.66
C GLN A 112 -4.02 3.21 6.35
N LEU A 113 -4.48 2.53 5.30
CA LEU A 113 -3.88 2.68 3.98
C LEU A 113 -4.11 4.12 3.47
N MET A 114 -5.33 4.68 3.67
CA MET A 114 -5.68 6.05 3.28
C MET A 114 -4.86 7.07 4.06
N ALA A 115 -4.70 6.90 5.39
CA ALA A 115 -3.89 7.76 6.24
C ALA A 115 -2.44 7.83 5.71
N GLY A 116 -1.87 6.67 5.38
CA GLY A 116 -0.52 6.58 4.81
C GLY A 116 -0.34 7.27 3.47
N VAL A 117 -1.31 7.12 2.54
CA VAL A 117 -1.31 7.67 1.18
C VAL A 117 -1.57 9.19 1.28
N VAL A 118 -2.50 9.62 2.18
CA VAL A 118 -2.75 11.07 2.46
C VAL A 118 -1.42 11.73 2.85
N TYR A 119 -0.65 11.06 3.72
CA TYR A 119 0.62 11.54 4.21
C TYR A 119 1.60 11.71 3.05
N LEU A 120 1.85 10.61 2.29
CA LEU A 120 2.75 10.60 1.14
C LEU A 120 2.38 11.69 0.11
N HIS A 121 1.10 11.73 -0.31
CA HIS A 121 0.67 12.73 -1.27
C HIS A 121 0.85 14.18 -0.73
N GLY A 122 0.66 14.35 0.57
CA GLY A 122 0.79 15.63 1.28
C GLY A 122 2.18 16.21 1.20
N ILE A 123 3.22 15.36 1.20
CA ILE A 123 4.63 15.75 1.07
C ILE A 123 5.10 15.59 -0.41
N GLY A 124 4.18 15.40 -1.35
CA GLY A 124 4.48 15.30 -2.78
C GLY A 124 5.13 14.00 -3.23
N ILE A 125 4.89 12.89 -2.51
CA ILE A 125 5.43 11.56 -2.84
C ILE A 125 4.34 10.62 -3.37
N THR A 126 4.61 9.96 -4.51
CA THR A 126 3.75 8.90 -5.05
C THR A 126 4.51 7.56 -4.93
N HIS A 127 3.88 6.56 -4.33
CA HIS A 127 4.46 5.23 -4.13
C HIS A 127 4.64 4.49 -5.47
N ARG A 128 3.57 4.49 -6.30
CA ARG A 128 3.51 3.93 -7.66
C ARG A 128 3.45 2.36 -7.74
N ASP A 129 3.42 1.62 -6.60
CA ASP A 129 3.34 0.16 -6.61
C ASP A 129 2.61 -0.36 -5.36
N ILE A 130 1.43 0.20 -5.07
CA ILE A 130 0.65 -0.23 -3.92
C ILE A 130 -0.03 -1.55 -4.26
N LYS A 131 0.20 -2.56 -3.42
CA LYS A 131 -0.37 -3.90 -3.53
C LYS A 131 -0.20 -4.60 -2.18
N PRO A 132 -0.89 -5.74 -1.88
CA PRO A 132 -0.79 -6.32 -0.53
C PRO A 132 0.59 -6.86 -0.12
N GLU A 133 1.47 -7.19 -1.10
CA GLU A 133 2.86 -7.62 -0.86
C GLU A 133 3.67 -6.49 -0.24
N ASN A 134 3.32 -5.23 -0.55
CA ASN A 134 4.01 -4.02 -0.06
C ASN A 134 3.33 -3.41 1.14
N LEU A 135 2.28 -4.06 1.66
CA LEU A 135 1.60 -3.51 2.83
C LEU A 135 1.88 -4.45 3.98
N LEU A 136 2.65 -3.96 4.96
CA LEU A 136 3.12 -4.75 6.10
C LEU A 136 2.33 -4.43 7.37
N LEU A 137 2.35 -5.40 8.30
CA LEU A 137 1.61 -5.31 9.55
C LEU A 137 2.57 -5.39 10.74
N ASP A 138 2.50 -4.43 11.66
CA ASP A 138 3.32 -4.46 12.87
C ASP A 138 2.70 -5.45 13.89
N GLU A 139 3.27 -5.56 15.11
CA GLU A 139 2.82 -6.44 16.23
C GLU A 139 1.32 -6.30 16.56
N ARG A 140 0.77 -5.05 16.51
CA ARG A 140 -0.64 -4.74 16.80
C ARG A 140 -1.52 -4.69 15.51
N ASP A 141 -1.00 -5.24 14.40
CA ASP A 141 -1.66 -5.31 13.08
C ASP A 141 -1.95 -3.92 12.47
N ASN A 142 -1.03 -2.97 12.70
CA ASN A 142 -1.10 -1.65 12.10
C ASN A 142 -0.39 -1.73 10.76
N LEU A 143 -1.12 -1.32 9.72
CA LEU A 143 -0.67 -1.31 8.34
C LEU A 143 0.41 -0.27 8.16
N LYS A 144 1.44 -0.65 7.39
CA LYS A 144 2.60 0.14 7.07
C LYS A 144 2.92 0.03 5.61
N ILE A 145 3.02 1.16 4.92
CA ILE A 145 3.35 1.14 3.50
C ILE A 145 4.84 0.88 3.38
N SER A 146 5.24 -0.07 2.51
CA SER A 146 6.66 -0.35 2.32
C SER A 146 7.07 -0.35 0.82
N ASP A 147 8.40 -0.42 0.59
CA ASP A 147 9.09 -0.50 -0.70
C ASP A 147 8.95 0.80 -1.53
N PHE A 148 9.83 1.75 -1.27
CA PHE A 148 9.83 3.04 -1.95
C PHE A 148 10.82 3.06 -3.12
N GLY A 149 11.10 1.88 -3.65
CA GLY A 149 11.98 1.67 -4.80
C GLY A 149 11.44 2.22 -6.10
N LEU A 150 10.10 2.31 -6.26
CA LEU A 150 9.45 2.82 -7.49
C LEU A 150 8.83 4.19 -7.26
N ALA A 151 8.99 4.71 -6.03
CA ALA A 151 8.42 5.98 -5.59
C ALA A 151 9.11 7.18 -6.23
N THR A 152 8.35 8.28 -6.42
CA THR A 152 8.95 9.49 -6.96
C THR A 152 8.25 10.74 -6.39
N VAL A 153 8.88 11.90 -6.60
CA VAL A 153 8.39 13.22 -6.21
C VAL A 153 7.55 13.75 -7.40
N PHE A 154 6.25 14.02 -7.17
CA PHE A 154 5.35 14.53 -8.20
C PHE A 154 5.00 15.98 -7.85
N ARG A 155 5.43 16.49 -6.70
CA ARG A 155 5.14 17.91 -6.34
C ARG A 155 6.36 18.53 -5.67
N TYR A 156 6.89 19.57 -6.28
CA TYR A 156 8.08 20.28 -5.78
C TYR A 156 7.87 21.79 -5.91
N ASN A 157 8.15 22.53 -4.81
CA ASN A 157 7.97 23.97 -4.73
C ASN A 157 6.54 24.35 -5.10
N ASN A 158 5.55 23.48 -4.64
CA ASN A 158 4.10 23.61 -4.84
CA ASN A 158 4.10 23.62 -4.84
C ASN A 158 3.74 23.65 -6.35
N ARG A 159 4.50 22.89 -7.16
CA ARG A 159 4.25 22.77 -8.60
CA ARG A 159 4.23 22.79 -8.59
C ARG A 159 4.18 21.30 -8.97
N GLU A 160 3.05 20.88 -9.54
CA GLU A 160 2.85 19.51 -9.88
C GLU A 160 3.56 19.14 -11.18
N ARG A 161 4.15 17.98 -11.15
CA ARG A 161 4.84 17.35 -12.27
C ARG A 161 3.98 16.16 -12.70
N LEU A 162 3.52 16.18 -13.96
CA LEU A 162 2.76 15.07 -14.53
C LEU A 162 3.68 13.89 -14.79
N LEU A 163 3.20 12.67 -14.59
CA LEU A 163 4.06 11.53 -14.80
C LEU A 163 3.89 10.96 -16.21
N ASN A 164 4.91 10.25 -16.69
CA ASN A 164 4.88 9.56 -18.00
C ASN A 164 5.55 8.15 -17.94
N LYS A 165 6.33 7.83 -16.89
CA LYS A 165 6.97 6.52 -16.77
C LYS A 165 5.97 5.40 -16.41
N MET A 166 6.10 4.26 -17.13
CA MET A 166 5.34 3.03 -16.93
C MET A 166 5.91 2.27 -15.75
N CYS A 167 5.19 2.19 -14.63
CA CYS A 167 5.63 1.38 -13.51
C CYS A 167 4.47 1.00 -12.60
N GLY A 168 4.75 -0.01 -11.80
CA GLY A 168 3.77 -0.66 -10.98
C GLY A 168 3.68 -2.13 -11.38
N THR A 169 2.53 -2.74 -11.10
CA THR A 169 2.23 -4.18 -11.29
C THR A 169 0.91 -4.19 -11.99
N LEU A 170 0.88 -4.69 -13.24
CA LEU A 170 -0.27 -4.65 -14.16
C LEU A 170 -1.66 -4.85 -13.52
N PRO A 171 -1.96 -5.87 -12.66
CA PRO A 171 -3.33 -5.98 -12.12
C PRO A 171 -3.76 -4.78 -11.25
N TYR A 172 -2.80 -4.01 -10.72
CA TYR A 172 -3.02 -2.86 -9.83
C TYR A 172 -2.88 -1.47 -10.53
N VAL A 173 -2.37 -1.40 -11.78
CA VAL A 173 -2.17 -0.11 -12.44
C VAL A 173 -3.47 0.51 -12.88
N ALA A 174 -3.51 1.85 -12.90
CA ALA A 174 -4.67 2.58 -13.38
C ALA A 174 -4.69 2.51 -14.94
N PRO A 175 -5.89 2.53 -15.58
CA PRO A 175 -5.96 2.44 -17.06
C PRO A 175 -5.27 3.58 -17.85
N GLU A 176 -5.18 4.82 -17.28
CA GLU A 176 -4.53 5.96 -17.96
C GLU A 176 -3.04 5.71 -18.20
N LEU A 177 -2.39 4.95 -17.31
CA LEU A 177 -0.99 4.61 -17.41
C LEU A 177 -0.77 3.78 -18.70
N LEU A 178 -1.77 2.97 -19.12
CA LEU A 178 -1.67 2.20 -20.37
C LEU A 178 -2.25 2.97 -21.62
N LYS A 179 -3.06 3.99 -21.46
CA LYS A 179 -3.69 4.66 -22.61
C LYS A 179 -3.18 6.05 -22.89
N ARG A 180 -2.60 6.71 -21.88
CA ARG A 180 -2.19 8.11 -22.02
C ARG A 180 -0.69 8.28 -21.91
N ARG A 181 -0.16 9.30 -22.59
CA ARG A 181 1.26 9.62 -22.56
C ARG A 181 1.62 10.20 -21.18
N GLU A 182 0.80 11.12 -20.66
CA GLU A 182 0.98 11.79 -19.36
C GLU A 182 -0.24 11.66 -18.50
N PHE A 183 -0.03 11.67 -17.18
CA PHE A 183 -1.10 11.49 -16.22
C PHE A 183 -0.71 12.04 -14.85
N HIS A 184 -1.71 12.47 -14.07
CA HIS A 184 -1.55 12.93 -12.70
C HIS A 184 -1.17 11.71 -11.81
N ALA A 185 -0.27 11.91 -10.83
CA ALA A 185 0.20 10.84 -9.95
C ALA A 185 -0.82 10.35 -8.89
N GLU A 186 -1.60 11.27 -8.29
CA GLU A 186 -2.47 10.90 -7.16
C GLU A 186 -3.58 9.91 -7.56
N PRO A 187 -4.33 10.08 -8.69
CA PRO A 187 -5.38 9.10 -9.03
C PRO A 187 -4.84 7.69 -9.32
N VAL A 188 -3.55 7.56 -9.65
CA VAL A 188 -2.95 6.26 -9.92
C VAL A 188 -2.85 5.47 -8.60
N ASP A 189 -2.41 6.13 -7.50
CA ASP A 189 -2.32 5.50 -6.16
C ASP A 189 -3.72 5.19 -5.61
N VAL A 190 -4.74 6.03 -5.95
CA VAL A 190 -6.13 5.84 -5.52
C VAL A 190 -6.68 4.53 -6.15
N TRP A 191 -6.40 4.34 -7.46
CA TRP A 191 -6.82 3.17 -8.22
C TRP A 191 -6.23 1.86 -7.59
N SER A 192 -4.92 1.79 -7.35
CA SER A 192 -4.26 0.61 -6.74
C SER A 192 -4.84 0.30 -5.35
N CYS A 193 -5.15 1.34 -4.56
CA CYS A 193 -5.84 1.20 -3.25
C CYS A 193 -7.23 0.53 -3.44
N GLY A 194 -7.97 0.91 -4.48
CA GLY A 194 -9.24 0.27 -4.85
C GLY A 194 -9.07 -1.19 -5.27
N ILE A 195 -7.97 -1.51 -5.98
CA ILE A 195 -7.70 -2.93 -6.34
C ILE A 195 -7.34 -3.72 -5.02
N VAL A 196 -6.65 -3.05 -4.09
CA VAL A 196 -6.29 -3.66 -2.80
C VAL A 196 -7.60 -3.92 -2.00
N LEU A 197 -8.53 -2.94 -2.02
CA LEU A 197 -9.79 -3.11 -1.33
C LEU A 197 -10.57 -4.29 -1.97
N THR A 198 -10.55 -4.44 -3.32
CA THR A 198 -11.20 -5.55 -4.04
C THR A 198 -10.64 -6.89 -3.53
N ALA A 199 -9.30 -6.98 -3.46
CA ALA A 199 -8.56 -8.18 -3.01
C ALA A 199 -8.94 -8.54 -1.57
N MET A 200 -8.98 -7.56 -0.68
CA MET A 200 -9.34 -7.81 0.73
C MET A 200 -10.76 -8.34 0.93
N LEU A 201 -11.72 -7.91 0.08
CA LEU A 201 -13.12 -8.31 0.22
C LEU A 201 -13.53 -9.52 -0.62
N ALA A 202 -12.77 -9.84 -1.68
CA ALA A 202 -13.15 -10.94 -2.56
C ALA A 202 -12.10 -12.02 -2.64
N GLY A 203 -10.88 -11.72 -2.19
CA GLY A 203 -9.76 -12.68 -2.24
C GLY A 203 -9.34 -13.06 -3.65
N GLU A 204 -9.62 -12.19 -4.61
CA GLU A 204 -9.21 -12.35 -6.01
C GLU A 204 -9.08 -10.97 -6.65
N LEU A 205 -8.28 -10.91 -7.72
CA LEU A 205 -8.03 -9.68 -8.47
C LEU A 205 -9.01 -9.64 -9.62
N PRO A 206 -9.62 -8.48 -9.94
CA PRO A 206 -10.69 -8.48 -10.94
C PRO A 206 -10.24 -8.69 -12.38
N TRP A 207 -9.03 -8.26 -12.75
CA TRP A 207 -8.50 -8.38 -14.13
C TRP A 207 -6.98 -8.44 -14.12
N ASP A 208 -6.44 -8.94 -15.22
CA ASP A 208 -5.00 -9.03 -15.50
C ASP A 208 -4.43 -7.64 -15.69
N GLN A 209 -5.24 -6.73 -16.27
CA GLN A 209 -4.88 -5.34 -16.55
C GLN A 209 -6.13 -4.51 -16.94
N PRO A 210 -6.18 -3.17 -16.69
CA PRO A 210 -7.40 -2.40 -17.03
C PRO A 210 -7.43 -1.94 -18.51
N SER A 211 -7.65 -2.88 -19.43
CA SER A 211 -7.72 -2.58 -20.87
C SER A 211 -9.03 -3.10 -21.51
N ASP A 212 -9.45 -2.49 -22.63
CA ASP A 212 -10.66 -2.88 -23.38
C ASP A 212 -10.53 -4.32 -23.90
N SER A 213 -9.29 -4.77 -24.20
CA SER A 213 -9.00 -6.15 -24.62
C SER A 213 -9.25 -7.14 -23.46
N CYS A 214 -9.26 -6.66 -22.21
CA CYS A 214 -9.52 -7.52 -21.06
C CYS A 214 -11.03 -7.63 -20.86
N GLN A 215 -11.59 -8.86 -20.99
CA GLN A 215 -13.03 -9.11 -20.88
C GLN A 215 -13.59 -8.77 -19.51
N GLU A 216 -12.83 -9.08 -18.43
CA GLU A 216 -13.23 -8.76 -17.04
C GLU A 216 -13.30 -7.26 -16.81
N TYR A 217 -12.38 -6.50 -17.43
CA TYR A 217 -12.40 -5.06 -17.31
C TYR A 217 -13.60 -4.46 -18.06
N SER A 218 -13.93 -5.00 -19.27
CA SER A 218 -15.10 -4.57 -20.06
C SER A 218 -16.40 -4.82 -19.31
N ASP A 219 -16.54 -6.00 -18.65
CA ASP A 219 -17.74 -6.36 -17.88
C ASP A 219 -17.98 -5.40 -16.70
N TRP A 220 -16.89 -4.99 -16.03
CA TRP A 220 -16.97 -4.04 -14.92
C TRP A 220 -17.50 -2.70 -15.47
N LYS A 221 -16.93 -2.22 -16.60
CA LYS A 221 -17.39 -0.98 -17.24
C LYS A 221 -18.86 -1.07 -17.70
N GLU A 222 -19.35 -2.30 -18.01
CA GLU A 222 -20.73 -2.59 -18.39
C GLU A 222 -21.63 -2.84 -17.16
N LYS A 223 -21.11 -2.60 -15.92
CA LYS A 223 -21.78 -2.71 -14.62
C LYS A 223 -22.34 -4.12 -14.33
N LYS A 224 -21.66 -5.18 -14.83
CA LYS A 224 -22.08 -6.58 -14.61
C LYS A 224 -21.56 -7.05 -13.24
N THR A 225 -22.15 -6.50 -12.17
CA THR A 225 -21.72 -6.77 -10.80
C THR A 225 -22.30 -8.09 -10.28
N TYR A 226 -23.09 -8.81 -11.11
CA TYR A 226 -23.63 -10.14 -10.76
C TYR A 226 -22.52 -11.18 -10.92
N LEU A 227 -21.40 -10.79 -11.59
CA LEU A 227 -20.22 -11.62 -11.80
C LEU A 227 -19.18 -11.45 -10.67
N ASN A 228 -18.19 -12.36 -10.61
CA ASN A 228 -17.09 -12.30 -9.66
C ASN A 228 -16.03 -11.30 -10.12
N PRO A 229 -15.32 -10.59 -9.21
CA PRO A 229 -15.35 -10.69 -7.73
C PRO A 229 -16.47 -9.94 -7.02
N TRP A 230 -17.19 -9.06 -7.77
CA TRP A 230 -18.17 -8.11 -7.26
C TRP A 230 -19.35 -8.73 -6.52
N LYS A 231 -19.79 -9.96 -6.92
CA LYS A 231 -20.95 -10.60 -6.29
C LYS A 231 -20.68 -11.02 -4.85
N LYS A 232 -19.40 -11.20 -4.47
CA LYS A 232 -18.93 -11.53 -3.13
C LYS A 232 -18.88 -10.31 -2.21
N ILE A 233 -18.98 -9.08 -2.79
CA ILE A 233 -18.83 -7.81 -2.07
C ILE A 233 -20.20 -7.17 -1.80
N ASP A 234 -20.39 -6.73 -0.55
CA ASP A 234 -21.61 -6.06 -0.12
C ASP A 234 -21.76 -4.72 -0.89
N SER A 235 -23.01 -4.27 -1.08
CA SER A 235 -23.40 -3.08 -1.83
C SER A 235 -22.74 -1.77 -1.30
N ALA A 236 -22.59 -1.59 0.03
CA ALA A 236 -21.94 -0.41 0.62
C ALA A 236 -20.43 -0.34 0.18
N PRO A 237 -19.54 -1.34 0.43
CA PRO A 237 -18.15 -1.21 -0.06
C PRO A 237 -18.06 -1.23 -1.58
N LEU A 238 -19.01 -1.92 -2.26
CA LEU A 238 -19.07 -1.99 -3.72
C LEU A 238 -19.40 -0.59 -4.34
N ALA A 239 -20.25 0.23 -3.66
CA ALA A 239 -20.62 1.59 -4.10
C ALA A 239 -19.36 2.48 -4.07
N LEU A 240 -18.43 2.24 -3.08
CA LEU A 240 -17.13 2.90 -2.95
C LEU A 240 -16.22 2.48 -4.12
N LEU A 241 -16.16 1.16 -4.43
CA LEU A 241 -15.38 0.61 -5.54
C LEU A 241 -15.87 1.21 -6.87
N HIS A 242 -17.20 1.40 -7.03
CA HIS A 242 -17.77 2.06 -8.20
C HIS A 242 -17.22 3.48 -8.40
N LYS A 243 -16.86 4.21 -7.30
CA LYS A 243 -16.31 5.58 -7.38
C LYS A 243 -14.77 5.63 -7.56
N ILE A 244 -14.05 4.59 -7.13
CA ILE A 244 -12.59 4.51 -7.22
C ILE A 244 -12.18 3.96 -8.57
N LEU A 245 -12.76 2.82 -8.98
CA LEU A 245 -12.37 2.16 -10.21
C LEU A 245 -13.14 2.77 -11.41
N VAL A 246 -13.02 4.10 -11.58
CA VAL A 246 -13.58 4.92 -12.64
C VAL A 246 -12.45 5.14 -13.67
N GLU A 247 -12.66 4.76 -14.94
CA GLU A 247 -11.66 4.83 -16.00
C GLU A 247 -11.08 6.26 -16.23
N ASN A 248 -11.92 7.30 -16.19
CA ASN A 248 -11.43 8.66 -16.38
C ASN A 248 -10.77 9.14 -15.06
N PRO A 249 -9.43 9.38 -15.02
CA PRO A 249 -8.79 9.80 -13.75
C PRO A 249 -9.28 11.14 -13.22
N SER A 250 -9.86 12.00 -14.08
CA SER A 250 -10.38 13.33 -13.71
C SER A 250 -11.74 13.23 -13.03
N ALA A 251 -12.46 12.12 -13.26
CA ALA A 251 -13.79 11.84 -12.69
C ALA A 251 -13.69 10.95 -11.47
N ARG A 252 -12.55 10.24 -11.33
CA ARG A 252 -12.30 9.32 -10.22
C ARG A 252 -12.33 10.05 -8.88
N ILE A 253 -12.85 9.36 -7.86
CA ILE A 253 -12.97 9.88 -6.50
C ILE A 253 -11.57 10.17 -5.94
N THR A 254 -11.46 11.28 -5.17
CA THR A 254 -10.22 11.71 -4.55
C THR A 254 -10.26 11.21 -3.13
N ILE A 255 -9.12 11.18 -2.41
CA ILE A 255 -9.09 10.71 -1.02
C ILE A 255 -9.98 11.59 -0.15
N PRO A 256 -9.97 12.95 -0.19
CA PRO A 256 -10.90 13.71 0.67
C PRO A 256 -12.36 13.26 0.56
N ASP A 257 -12.78 12.80 -0.63
CA ASP A 257 -14.12 12.33 -0.91
C ASP A 257 -14.32 10.86 -0.51
N ILE A 258 -13.22 10.04 -0.53
CA ILE A 258 -13.25 8.66 -0.04
C ILE A 258 -13.58 8.69 1.47
N LYS A 259 -13.03 9.68 2.19
CA LYS A 259 -13.21 9.92 3.63
C LYS A 259 -14.66 10.34 4.01
N LYS A 260 -15.48 10.72 3.03
CA LYS A 260 -16.91 11.09 3.23
C LYS A 260 -17.87 9.93 2.76
N ASP A 261 -17.33 8.85 2.18
CA ASP A 261 -18.11 7.72 1.70
C ASP A 261 -18.87 7.05 2.87
N ARG A 262 -20.08 6.50 2.59
CA ARG A 262 -20.94 5.90 3.62
C ARG A 262 -20.29 4.65 4.24
N TRP A 263 -19.76 3.73 3.42
CA TRP A 263 -19.12 2.53 3.95
C TRP A 263 -17.84 2.86 4.75
N TYR A 264 -17.01 3.81 4.23
CA TYR A 264 -15.79 4.26 4.87
C TYR A 264 -16.07 4.67 6.34
N ASN A 265 -17.20 5.34 6.56
CA ASN A 265 -17.66 5.84 7.85
C ASN A 265 -18.72 4.94 8.57
N LYS A 266 -18.94 3.73 8.07
CA LYS A 266 -19.87 2.76 8.64
C LYS A 266 -19.25 2.05 9.86
N PRO A 267 -19.93 2.09 11.04
CA PRO A 267 -19.38 1.36 12.21
C PRO A 267 -19.48 -0.15 11.98
N LEU A 268 -18.34 -0.83 11.98
CA LEU A 268 -18.25 -2.26 11.73
C LEU A 268 -17.40 -3.00 12.76
N LYS A 269 -16.18 -2.49 13.04
CA LYS A 269 -15.20 -3.16 13.89
C LYS A 269 -15.08 -2.64 15.32
N LYS A 270 -14.99 -3.60 16.25
CA LYS A 270 -14.72 -3.39 17.66
C LYS A 270 -13.20 -3.08 17.79
N GLY A 271 -12.82 -2.47 18.93
CA GLY A 271 -11.41 -2.16 19.22
C GLY A 271 -10.61 -3.41 19.54
N ALA A 272 -9.32 -3.24 19.88
CA ALA A 272 -8.45 -4.36 20.24
C ALA A 272 -8.96 -5.03 21.52
N LYS A 273 -9.00 -6.38 21.51
CA LYS A 273 -9.48 -7.19 22.64
C LYS A 273 -8.68 -6.86 23.91
N ARG A 274 -9.31 -6.10 24.82
CA ARG A 274 -8.74 -5.67 26.10
C ARG A 274 -8.91 -6.77 27.17
N PRO A 275 -7.90 -7.01 28.06
CA PRO A 275 -8.07 -8.04 29.11
C PRO A 275 -9.06 -7.58 30.17
N ARG A 276 -9.96 -8.49 30.60
CA ARG A 276 -11.02 -8.17 31.55
C ARG A 276 -11.46 -9.38 32.41
N VAL A 277 -12.09 -9.08 33.56
CA VAL A 277 -12.63 -10.06 34.53
C VAL A 277 -14.04 -9.64 34.98
N THR A 278 -14.85 -10.59 35.46
CA THR A 278 -16.20 -10.34 35.92
C THR A 278 -16.31 -10.55 37.45
N SER A 279 -17.35 -9.95 38.07
CA SER A 279 -17.70 -10.00 39.50
C SER A 279 -16.54 -9.53 40.39
O1 HK3 B . 12.80 1.60 0.13
C1 HK3 B . 12.26 0.57 0.83
C6 HK3 B . 11.54 0.83 1.99
C5 HK3 B . 11.06 -0.21 2.75
C4 HK3 B . 11.26 -1.55 2.38
C3 HK3 B . 11.94 -1.79 1.19
C2 HK3 B . 12.47 -0.74 0.43
C7 HK3 B . 11.00 -2.66 3.35
C12 HK3 B . 11.03 -3.99 2.95
C11 HK3 B . 10.77 -5.01 3.85
C10 HK3 B . 10.51 -4.73 5.18
C9 HK3 B . 10.57 -3.41 5.61
C8 HK3 B . 10.81 -2.39 4.70
C13 HK3 B . 9.99 -5.78 6.09
C15 HK3 B . 9.53 -7.05 5.83
C16 HK3 B . 9.22 -8.07 4.81
C17 HK3 B . 8.49 -9.13 5.57
C24 HK3 B . 8.51 -8.82 6.93
C14 HK3 B . 9.12 -7.54 7.13
N2 HK3 B . 9.35 -6.63 8.08
N1 HK3 B . 9.89 -5.56 7.42
C23 HK3 B . 8.00 -9.71 7.88
C21 HK3 B . 7.48 -10.93 7.45
O3 HK3 B . 7.02 -11.92 8.28
C22 HK3 B . 6.88 -11.62 9.67
C19 HK3 B . 7.46 -11.24 6.06
C18 HK3 B . 7.94 -10.32 5.15
O2 HK3 B . 7.02 -12.50 5.75
C20 HK3 B . 7.11 -12.93 4.39
H222 HK3 B . 7.81 -11.45 10.22
H223 HK3 B . 6.40 -12.51 10.08
H221 HK3 B . 6.19 -10.78 9.82
H203 HK3 B . 8.14 -13.02 4.01
H201 HK3 B . 6.69 -13.93 4.42
H202 HK3 B . 6.51 -12.34 3.71
S SO4 C . 10.18 9.61 -12.63
O1 SO4 C . 10.41 8.15 -12.42
O2 SO4 C . 10.67 10.40 -11.48
O3 SO4 C . 10.85 10.03 -13.86
O4 SO4 C . 8.74 9.84 -12.81
#